data_4R4V
#
_entry.id   4R4V
#
_cell.length_a   102.229
_cell.length_b   102.229
_cell.length_c   215.020
_cell.angle_alpha   90.00
_cell.angle_beta   90.00
_cell.angle_gamma   90.00
#
_symmetry.space_group_name_H-M   'P 43 21 2'
#
loop_
_entity.id
_entity.type
_entity.pdbx_description
1 polymer 'VS ribozyme RNA'
2 non-polymer 'MAGNESIUM ION'
3 non-polymer 'POTASSIUM ION'
4 water water
#
_entity_poly.entity_id   1
_entity_poly.type   'polyribonucleotide'
_entity_poly.pdbx_seq_one_letter_code
;(GDP)GCGCUGUGUCGCAAUCUGCGAAGGGCGUCGUCGGCCCAAGCGGUAGUAAGCAGGGAACUCACCUCCAAUGAAACA
CAUUGUCGUAGCAGUUGACUACUGUUAUGUGAUUGGUAGAGGCUAAGUGACGGUAUUGGCGUAAGCCAAUACCGCAGCAC
AGCACAAGCCCGCUUGCGAGAUUACAGCGC
;
_entity_poly.pdbx_strand_id   A
#
loop_
_chem_comp.id
_chem_comp.type
_chem_comp.name
_chem_comp.formula
A RNA linking ADENOSINE-5'-MONOPHOSPHATE 'C10 H14 N5 O7 P'
C RNA linking CYTIDINE-5'-MONOPHOSPHATE 'C9 H14 N3 O8 P'
G RNA linking GUANOSINE-5'-MONOPHOSPHATE 'C10 H14 N5 O8 P'
GDP RNA linking GUANOSINE-5'-DIPHOSPHATE 'C10 H15 N5 O11 P2'
K non-polymer 'POTASSIUM ION' 'K 1'
MG non-polymer 'MAGNESIUM ION' 'Mg 2'
U RNA linking URIDINE-5'-MONOPHOSPHATE 'C9 H13 N2 O9 P'
#
# COMPACT_ATOMS: atom_id res chain seq x y z
PB GDP A 1 5.52 -6.02 16.70
O1B GDP A 1 6.65 -6.98 16.35
O2B GDP A 1 5.95 -5.10 17.83
O3B GDP A 1 4.31 -6.81 17.13
O3A GDP A 1 5.13 -5.11 15.42
PA GDP A 1 5.00 -5.67 13.90
O1A GDP A 1 5.19 -4.51 12.95
O2A GDP A 1 5.94 -6.82 13.58
O5' GDP A 1 3.47 -6.14 13.80
C5' GDP A 1 3.12 -7.23 12.94
C4' GDP A 1 1.65 -7.57 13.12
O4' GDP A 1 1.28 -7.55 14.50
C3' GDP A 1 0.70 -6.58 12.43
O3' GDP A 1 0.49 -6.83 11.03
C2' GDP A 1 -0.57 -6.76 13.23
O2' GDP A 1 -1.27 -7.94 12.80
C1' GDP A 1 -0.01 -6.92 14.64
N9 GDP A 1 0.18 -5.58 15.24
C8 GDP A 1 1.34 -5.08 15.72
N7 GDP A 1 1.17 -3.81 16.17
C5 GDP A 1 -0.11 -3.48 15.95
C6 GDP A 1 -0.94 -2.29 16.18
O6 GDP A 1 -0.46 -1.25 16.70
N1 GDP A 1 -2.22 -2.34 15.82
C2 GDP A 1 -2.76 -3.43 15.26
N2 GDP A 1 -4.07 -3.39 14.93
N3 GDP A 1 -2.07 -4.57 15.02
C4 GDP A 1 -0.76 -4.65 15.34
H4' GDP A 1 1.47 -8.56 12.69
H3' GDP A 1 1.08 -5.56 12.58
H2' GDP A 1 -1.19 -5.87 13.16
HO2' GDP A 1 -1.56 -7.84 11.89
H1' GDP A 1 -0.69 -7.53 15.25
H8 GDP A 1 2.28 -5.63 15.76
HN1 GDP A 1 -2.82 -1.51 15.99
HN21 GDP A 1 -4.51 -4.20 14.50
HN22 GDP A 1 -4.61 -2.55 15.11
MG MG B . -0.72 11.77 -47.22
K K C . -0.75 7.33 -62.74
MG MG D . -10.85 50.25 -27.98
K K E . 7.14 -6.73 -84.89
MG MG F . -13.40 10.58 -49.33
MG MG G . -13.79 14.42 -44.27
MG MG H . -10.91 38.54 -41.72
MG MG I . 3.13 17.44 -55.78
K K J . 14.82 -12.87 -65.05
K K K . -17.62 47.23 -19.63
K K L . 11.73 8.79 -49.79
MG MG M . 5.60 14.12 -35.82
MG MG N . -0.67 2.63 19.86
MG MG O . -5.02 -3.85 22.75
#